data_6THZ
#
_entry.id   6THZ
#
_cell.length_a   85.930
_cell.length_b   108.570
_cell.length_c   142.190
_cell.angle_alpha   90.000
_cell.angle_beta   90.000
_cell.angle_gamma   90.000
#
_symmetry.space_group_name_H-M   'I 2 2 2'
#
loop_
_entity.id
_entity.type
_entity.pdbx_description
1 polymer 'Interleukin-1 receptor-associated kinase 4'
2 non-polymer 7-fluoranyl-~{N}-[1-(2-methyl-2-azaspiro[3.3]heptan-6-yl)pyrazol-4-yl]-4-(1-methylcyclopropyl)oxy-6-(2-methylpyrimidin-5-yl)pyrido[3,2-d]pyrimidin-2-amine
3 water water
#
_entity_poly.entity_id   1
_entity_poly.type   'polypeptide(L)'
_entity_poly.pdbx_seq_one_letter_code
;GENKSLEVSDTRFHSFSFYELKNVTNNFDERPISVGGNKMGEGGFGVVYKGYVNNTTVAVKKLAAMVDITTEELKQQFDQ
EIKVMAKCQHENLVELLGFSSDGDDLCLVYVYMPNGSLLDRLSCLDGTPPLSWHMRCKIAQGAANGINFLHENHHIHRDI
KSANILLDEAFTAKISDFGLARASEKFAQTVM(TPO)(SEP)RIVGTTAYMAPEALRGEITPKSDIYSFGVVLLEIITGL
PAVDEHREPQLLLDIKEEIEDEEKTIEDYIDKKMNDADSTSVEAMYSVASQCLHEKKNKRPDIKKVQQLLQEMTAS
;
_entity_poly.pdbx_strand_id   A,B
#
loop_
_chem_comp.id
_chem_comp.type
_chem_comp.name
_chem_comp.formula
NB5 non-polymer 7-fluoranyl-~{N}-[1-(2-methyl-2-azaspiro[3.3]heptan-6-yl)pyrazol-4-yl]-4-(1-methylcyclopropyl)oxy-6-(2-methylpyrimidin-5-yl)pyrido[3,2-d]pyrimidin-2-amine 'C26 H28 F N9 O'
#
# COMPACT_ATOMS: atom_id res chain seq x y z
N PHE A 13 -4.23 -22.35 34.43
CA PHE A 13 -3.90 -20.94 34.22
C PHE A 13 -3.30 -20.29 35.48
N HIS A 14 -2.56 -19.18 35.27
CA HIS A 14 -1.93 -18.41 36.36
C HIS A 14 -2.93 -17.34 36.86
N SER A 15 -3.50 -17.53 38.07
CA SER A 15 -4.46 -16.60 38.65
C SER A 15 -3.75 -15.34 39.19
N PHE A 16 -3.72 -14.29 38.37
CA PHE A 16 -3.09 -12.99 38.64
C PHE A 16 -3.88 -12.10 39.61
N SER A 17 -3.29 -10.94 39.97
CA SER A 17 -3.86 -9.91 40.85
C SER A 17 -3.63 -8.56 40.17
N PHE A 18 -4.70 -7.76 40.07
CA PHE A 18 -4.78 -6.45 39.40
C PHE A 18 -3.60 -5.47 39.67
N TYR A 19 -2.92 -5.56 40.84
CA TYR A 19 -1.81 -4.65 41.13
C TYR A 19 -0.53 -4.99 40.34
N GLU A 20 -0.19 -6.31 40.22
CA GLU A 20 0.99 -6.83 39.50
C GLU A 20 1.01 -6.34 38.08
N LEU A 21 -0.14 -6.53 37.38
CA LEU A 21 -0.37 -6.20 35.99
C LEU A 21 -0.33 -4.70 35.71
N LYS A 22 -0.56 -3.86 36.75
CA LYS A 22 -0.53 -2.40 36.62
C LYS A 22 0.91 -1.93 36.40
N ASN A 23 1.84 -2.45 37.23
CA ASN A 23 3.28 -2.14 37.20
C ASN A 23 3.96 -2.68 35.94
N VAL A 24 3.53 -3.87 35.46
CA VAL A 24 4.08 -4.48 34.23
C VAL A 24 3.70 -3.61 33.02
N THR A 25 2.50 -3.00 33.08
CA THR A 25 1.97 -2.09 32.06
C THR A 25 2.39 -0.66 32.41
N ASN A 26 3.12 -0.47 33.54
CA ASN A 26 3.63 0.81 34.06
C ASN A 26 2.48 1.81 34.25
N ASN A 27 1.61 1.52 35.23
CA ASN A 27 0.39 2.26 35.60
C ASN A 27 -0.63 2.32 34.43
N PHE A 28 -0.71 1.21 33.64
CA PHE A 28 -1.56 1.02 32.46
C PHE A 28 -1.42 2.19 31.47
N ASP A 29 -0.25 2.28 30.82
CA ASP A 29 0.11 3.36 29.89
C ASP A 29 -0.74 3.37 28.60
N GLU A 30 -1.82 4.18 28.62
CA GLU A 30 -2.74 4.35 27.49
C GLU A 30 -2.19 5.34 26.44
N ARG A 31 -0.99 5.03 25.92
CA ARG A 31 -0.27 5.82 24.92
C ARG A 31 0.60 4.91 23.99
N PRO A 32 0.99 5.34 22.75
CA PRO A 32 1.75 4.44 21.85
C PRO A 32 3.18 4.09 22.30
N ILE A 33 4.20 4.37 21.45
CA ILE A 33 5.61 4.06 21.76
C ILE A 33 6.55 5.23 21.46
N SER A 34 6.32 5.94 20.32
CA SER A 34 7.10 7.08 19.79
C SER A 34 8.57 6.77 19.50
N GLY A 37 4.72 4.60 25.64
CA GLY A 37 3.88 3.94 26.64
C GLY A 37 3.81 2.43 26.49
N ASN A 38 2.62 1.86 26.75
CA ASN A 38 2.38 0.41 26.70
C ASN A 38 1.27 0.00 25.74
N LYS A 39 0.22 0.84 25.57
CA LYS A 39 -0.92 0.59 24.69
C LYS A 39 -0.47 0.27 23.27
N MET A 40 -0.99 -0.85 22.74
CA MET A 40 -0.70 -1.34 21.39
C MET A 40 -1.91 -1.06 20.48
N GLY A 41 -3.10 -0.99 21.10
CA GLY A 41 -4.36 -0.75 20.43
C GLY A 41 -5.53 -1.38 21.18
N GLU A 42 -6.76 -1.18 20.66
CA GLU A 42 -7.98 -1.74 21.26
C GLU A 42 -8.88 -2.37 20.19
N GLY A 46 -12.48 -4.25 25.90
CA GLY A 46 -11.61 -3.21 26.41
C GLY A 46 -10.36 -2.90 25.58
N VAL A 47 -9.27 -2.49 26.28
CA VAL A 47 -7.97 -2.08 25.68
C VAL A 47 -6.85 -3.14 25.91
N VAL A 48 -5.83 -3.15 25.02
CA VAL A 48 -4.69 -4.08 25.01
C VAL A 48 -3.33 -3.33 25.06
N TYR A 49 -2.55 -3.57 26.15
CA TYR A 49 -1.23 -2.96 26.42
C TYR A 49 -0.14 -4.05 26.50
N LYS A 50 1.10 -3.74 26.04
CA LYS A 50 2.26 -4.63 26.10
C LYS A 50 2.75 -4.79 27.55
N GLY A 51 3.33 -5.95 27.85
CA GLY A 51 3.86 -6.28 29.17
C GLY A 51 4.81 -7.46 29.20
N TYR A 52 5.35 -7.79 30.40
CA TYR A 52 6.34 -8.87 30.59
C TYR A 52 6.10 -9.63 31.91
N VAL A 53 6.24 -10.96 31.86
CA VAL A 53 6.14 -11.86 33.03
C VAL A 53 7.32 -12.84 33.00
N ASN A 54 8.38 -12.47 33.77
CA ASN A 54 9.70 -13.11 33.95
C ASN A 54 10.60 -12.85 32.74
N ASN A 55 10.18 -13.33 31.56
CA ASN A 55 10.86 -13.18 30.28
C ASN A 55 9.79 -13.16 29.18
N THR A 56 8.64 -13.78 29.50
CA THR A 56 7.47 -13.95 28.63
C THR A 56 6.78 -12.62 28.37
N THR A 57 6.85 -12.16 27.10
CA THR A 57 6.21 -10.93 26.64
C THR A 57 4.72 -11.22 26.60
N VAL A 58 3.90 -10.32 27.15
CA VAL A 58 2.46 -10.50 27.22
C VAL A 58 1.65 -9.30 26.75
N ALA A 59 0.46 -9.59 26.21
CA ALA A 59 -0.53 -8.59 25.83
C ALA A 59 -1.62 -8.76 26.90
N VAL A 60 -1.90 -7.70 27.64
CA VAL A 60 -2.95 -7.79 28.67
C VAL A 60 -4.16 -7.05 28.18
N LYS A 61 -5.31 -7.69 28.31
CA LYS A 61 -6.60 -7.14 27.90
C LYS A 61 -7.37 -6.68 29.16
N LYS A 62 -7.40 -5.34 29.35
CA LYS A 62 -8.13 -4.67 30.43
C LYS A 62 -9.51 -4.34 29.84
N LEU A 63 -10.56 -5.10 30.25
CA LEU A 63 -11.94 -4.93 29.78
C LEU A 63 -12.58 -3.68 30.36
N LEU A 74 -20.76 -7.80 29.44
CA LEU A 74 -19.30 -7.85 29.41
C LEU A 74 -18.77 -8.93 30.33
N LYS A 75 -19.39 -9.09 31.52
CA LYS A 75 -19.00 -10.11 32.51
C LYS A 75 -19.28 -11.51 32.01
N GLN A 76 -20.40 -11.68 31.27
CA GLN A 76 -20.78 -12.96 30.69
C GLN A 76 -19.84 -13.34 29.53
N GLN A 77 -19.23 -12.33 28.87
CA GLN A 77 -18.28 -12.50 27.76
C GLN A 77 -16.95 -13.06 28.27
N PHE A 78 -16.49 -12.57 29.44
CA PHE A 78 -15.26 -12.98 30.15
C PHE A 78 -15.34 -14.45 30.57
N ASP A 79 -16.51 -14.90 31.03
CA ASP A 79 -16.75 -16.28 31.45
C ASP A 79 -16.53 -17.27 30.29
N GLN A 80 -17.01 -16.91 29.08
CA GLN A 80 -16.87 -17.74 27.88
C GLN A 80 -15.41 -17.77 27.38
N GLU A 81 -14.71 -16.60 27.38
CA GLU A 81 -13.32 -16.45 26.96
C GLU A 81 -12.39 -17.44 27.69
N ILE A 82 -12.63 -17.64 29.00
CA ILE A 82 -11.89 -18.57 29.87
C ILE A 82 -12.38 -20.00 29.61
N LYS A 83 -13.69 -20.18 29.39
CA LYS A 83 -14.27 -21.50 29.13
C LYS A 83 -13.67 -22.10 27.85
N VAL A 84 -13.65 -21.32 26.75
CA VAL A 84 -13.09 -21.71 25.45
C VAL A 84 -11.57 -21.92 25.53
N MET A 85 -10.83 -21.01 26.18
CA MET A 85 -9.37 -21.11 26.34
C MET A 85 -8.91 -22.29 27.21
N ALA A 86 -9.80 -22.84 28.05
CA ALA A 86 -9.52 -24.01 28.89
C ALA A 86 -9.81 -25.31 28.15
N LYS A 87 -10.85 -25.31 27.29
CA LYS A 87 -11.23 -26.49 26.53
C LYS A 87 -10.40 -26.63 25.26
N CYS A 88 -10.09 -25.49 24.60
CA CYS A 88 -9.41 -25.42 23.33
C CYS A 88 -7.94 -25.00 23.43
N GLN A 89 -7.06 -25.89 22.94
CA GLN A 89 -5.61 -25.72 22.85
C GLN A 89 -5.17 -26.23 21.49
N HIS A 90 -4.65 -25.31 20.67
CA HIS A 90 -4.18 -25.61 19.33
C HIS A 90 -3.08 -24.60 18.94
N GLU A 91 -2.24 -24.97 17.94
CA GLU A 91 -1.14 -24.11 17.50
C GLU A 91 -1.64 -22.92 16.68
N ASN A 92 -2.84 -23.06 16.14
CA ASN A 92 -3.49 -22.04 15.34
C ASN A 92 -4.55 -21.25 16.14
N LEU A 93 -4.50 -21.34 17.48
CA LEU A 93 -5.33 -20.54 18.38
C LEU A 93 -4.37 -19.77 19.29
N VAL A 94 -4.77 -18.60 19.82
CA VAL A 94 -3.86 -17.88 20.72
C VAL A 94 -3.88 -18.57 22.11
N GLU A 95 -2.90 -18.23 22.95
CA GLU A 95 -2.80 -18.84 24.26
C GLU A 95 -3.10 -17.84 25.36
N LEU A 96 -3.97 -18.23 26.30
CA LEU A 96 -4.26 -17.39 27.44
C LEU A 96 -3.31 -17.82 28.56
N LEU A 97 -2.61 -16.85 29.15
CA LEU A 97 -1.73 -17.18 30.26
C LEU A 97 -2.49 -16.94 31.58
N GLY A 98 -2.76 -15.66 31.90
CA GLY A 98 -3.45 -15.28 33.13
C GLY A 98 -4.85 -14.68 33.04
N PHE A 99 -5.53 -14.61 34.21
CA PHE A 99 -6.88 -14.06 34.42
C PHE A 99 -7.11 -13.69 35.89
N SER A 100 -7.92 -12.64 36.16
CA SER A 100 -8.24 -12.14 37.51
C SER A 100 -9.73 -11.78 37.70
N CYS A 107 -9.53 -8.88 33.35
CA CYS A 107 -8.12 -8.74 32.96
C CYS A 107 -7.51 -10.06 32.50
N LEU A 108 -7.73 -10.40 31.21
CA LEU A 108 -7.19 -11.59 30.54
C LEU A 108 -5.78 -11.27 30.04
N VAL A 109 -4.83 -12.21 30.21
CA VAL A 109 -3.40 -12.04 29.85
C VAL A 109 -3.01 -13.04 28.79
N TYR A 110 -2.32 -12.58 27.73
CA TYR A 110 -1.97 -13.45 26.61
C TYR A 110 -0.51 -13.36 26.16
N VAL A 111 0.02 -14.45 25.55
CA VAL A 111 1.37 -14.41 24.97
C VAL A 111 1.31 -13.32 23.87
N TYR A 112 2.12 -12.27 24.02
CA TYR A 112 2.22 -11.17 23.05
C TYR A 112 2.50 -11.77 21.70
N MET A 113 1.87 -11.25 20.67
CA MET A 113 2.06 -11.77 19.32
C MET A 113 3.06 -10.86 18.64
N PRO A 114 4.30 -11.31 18.35
CA PRO A 114 5.29 -10.39 17.78
C PRO A 114 4.89 -9.69 16.47
N ASN A 115 3.94 -10.27 15.70
CA ASN A 115 3.63 -9.64 14.42
C ASN A 115 2.23 -9.06 14.31
N GLY A 116 1.57 -8.89 15.45
CA GLY A 116 0.24 -8.28 15.54
C GLY A 116 -0.86 -9.03 14.80
N SER A 117 -1.76 -8.27 14.15
CA SER A 117 -2.90 -8.85 13.41
C SER A 117 -2.68 -8.87 11.90
N LEU A 118 -3.41 -9.75 11.20
CA LEU A 118 -3.37 -9.85 9.74
C LEU A 118 -3.84 -8.54 9.09
N LEU A 119 -4.85 -7.88 9.67
CA LEU A 119 -5.38 -6.59 9.21
C LEU A 119 -4.24 -5.57 9.06
N ASP A 120 -3.47 -5.38 10.16
CA ASP A 120 -2.36 -4.43 10.24
C ASP A 120 -1.20 -4.79 9.32
N ARG A 121 -0.91 -6.09 9.20
CA ARG A 121 0.15 -6.54 8.31
C ARG A 121 -0.23 -6.40 6.86
N LEU A 122 -1.52 -6.56 6.53
CA LEU A 122 -2.08 -6.39 5.19
C LEU A 122 -2.04 -4.92 4.75
N SER A 123 -2.28 -4.01 5.69
CA SER A 123 -2.22 -2.57 5.44
C SER A 123 -0.79 -1.99 5.70
N CYS A 124 0.22 -2.83 6.05
CA CYS A 124 1.62 -2.43 6.37
C CYS A 124 1.67 -1.34 7.46
N LEU A 125 0.82 -1.43 8.47
CA LEU A 125 0.77 -0.46 9.56
C LEU A 125 2.14 -0.35 10.26
N ASP A 126 2.58 0.88 10.55
CA ASP A 126 3.83 1.25 11.21
C ASP A 126 5.04 0.92 10.36
N GLY A 127 4.84 0.70 9.07
CA GLY A 127 5.92 0.48 8.12
C GLY A 127 6.46 -0.92 8.02
N THR A 128 5.70 -1.92 8.44
CA THR A 128 6.12 -3.31 8.32
C THR A 128 6.10 -3.70 6.82
N PRO A 129 7.05 -4.51 6.29
CA PRO A 129 7.03 -4.78 4.85
C PRO A 129 5.90 -5.70 4.43
N PRO A 130 5.43 -5.63 3.15
CA PRO A 130 4.31 -6.47 2.73
C PRO A 130 4.50 -7.99 2.87
N LEU A 131 3.39 -8.72 3.07
CA LEU A 131 3.40 -10.18 3.14
C LEU A 131 3.48 -10.74 1.74
N SER A 132 4.35 -11.67 1.52
CA SER A 132 4.50 -12.32 0.22
C SER A 132 3.36 -13.33 0.06
N TRP A 133 3.12 -13.77 -1.18
CA TRP A 133 2.10 -14.74 -1.49
C TRP A 133 2.25 -16.02 -0.65
N HIS A 134 3.46 -16.53 -0.57
CA HIS A 134 3.87 -17.73 0.17
C HIS A 134 3.55 -17.59 1.66
N MET A 135 3.81 -16.40 2.25
CA MET A 135 3.48 -16.13 3.64
C MET A 135 1.96 -16.10 3.82
N ARG A 136 1.25 -15.48 2.87
CA ARG A 136 -0.22 -15.36 2.88
C ARG A 136 -0.93 -16.72 2.80
N CYS A 137 -0.37 -17.68 2.01
CA CYS A 137 -0.86 -19.05 1.90
C CYS A 137 -0.78 -19.82 3.22
N LYS A 138 0.38 -19.71 3.90
CA LYS A 138 0.68 -20.28 5.21
C LYS A 138 -0.35 -19.72 6.20
N ILE A 139 -0.60 -18.37 6.13
CA ILE A 139 -1.57 -17.68 7.01
C ILE A 139 -3.00 -18.21 6.77
N ALA A 140 -3.42 -18.28 5.53
CA ALA A 140 -4.74 -18.78 5.20
C ALA A 140 -4.90 -20.20 5.73
N GLN A 141 -3.96 -21.08 5.37
CA GLN A 141 -3.93 -22.49 5.76
C GLN A 141 -4.03 -22.69 7.27
N GLY A 142 -3.20 -21.98 8.01
CA GLY A 142 -3.20 -22.03 9.46
C GLY A 142 -4.47 -21.52 10.08
N ALA A 143 -5.04 -20.43 9.54
CA ALA A 143 -6.28 -19.87 10.05
C ALA A 143 -7.43 -20.87 9.87
N ALA A 144 -7.50 -21.58 8.72
CA ALA A 144 -8.51 -22.61 8.45
C ALA A 144 -8.38 -23.75 9.44
N ASN A 145 -7.12 -24.18 9.75
CA ASN A 145 -6.83 -25.23 10.73
C ASN A 145 -7.38 -24.86 12.12
N GLY A 146 -7.27 -23.58 12.45
CA GLY A 146 -7.73 -23.03 13.72
C GLY A 146 -9.24 -23.13 13.81
N ILE A 147 -9.93 -22.69 12.75
CA ILE A 147 -11.39 -22.74 12.64
C ILE A 147 -11.87 -24.21 12.69
N ASN A 148 -11.15 -25.12 11.99
CA ASN A 148 -11.46 -26.55 11.97
C ASN A 148 -11.39 -27.17 13.36
N PHE A 149 -10.42 -26.74 14.17
CA PHE A 149 -10.26 -27.21 15.54
C PHE A 149 -11.45 -26.74 16.38
N LEU A 150 -11.90 -25.49 16.19
CA LEU A 150 -13.05 -24.94 16.90
C LEU A 150 -14.34 -25.62 16.50
N HIS A 151 -14.48 -25.95 15.23
CA HIS A 151 -15.69 -26.57 14.75
C HIS A 151 -15.70 -28.02 15.15
N GLU A 152 -14.51 -28.55 15.41
CA GLU A 152 -14.34 -29.94 15.78
C GLU A 152 -14.73 -30.09 17.23
N ASN A 153 -14.58 -29.01 17.99
CA ASN A 153 -14.85 -28.99 19.42
C ASN A 153 -16.18 -28.32 19.67
N HIS A 154 -17.01 -28.37 18.66
CA HIS A 154 -18.39 -27.85 18.68
C HIS A 154 -18.49 -26.42 19.22
N HIS A 155 -17.80 -25.48 18.56
CA HIS A 155 -17.79 -24.04 18.88
C HIS A 155 -17.88 -23.23 17.61
N ILE A 156 -18.59 -22.10 17.69
CA ILE A 156 -18.81 -21.13 16.62
C ILE A 156 -18.12 -19.86 17.12
N HIS A 157 -17.28 -19.26 16.28
CA HIS A 157 -16.53 -18.07 16.64
C HIS A 157 -17.40 -16.82 16.74
N ARG A 158 -18.26 -16.61 15.71
CA ARG A 158 -19.21 -15.51 15.55
C ARG A 158 -18.54 -14.18 15.18
N ASP A 159 -17.22 -14.13 15.02
CA ASP A 159 -16.54 -12.89 14.69
C ASP A 159 -15.17 -13.13 14.00
N ILE A 160 -15.16 -13.99 12.97
CA ILE A 160 -13.96 -14.25 12.19
C ILE A 160 -13.73 -13.01 11.32
N LYS A 161 -12.56 -12.39 11.47
CA LYS A 161 -12.11 -11.21 10.74
C LYS A 161 -10.60 -11.14 10.83
N SER A 162 -9.95 -10.50 9.85
CA SER A 162 -8.48 -10.36 9.81
C SER A 162 -7.87 -9.65 11.04
N ALA A 163 -8.67 -8.91 11.82
CA ALA A 163 -8.21 -8.24 13.04
C ALA A 163 -8.11 -9.27 14.18
N ASN A 164 -8.86 -10.39 14.06
CA ASN A 164 -8.88 -11.48 15.04
C ASN A 164 -7.94 -12.63 14.66
N ILE A 165 -7.18 -12.49 13.56
CA ILE A 165 -6.19 -13.45 13.11
C ILE A 165 -4.86 -12.78 13.43
N LEU A 166 -4.19 -13.28 14.49
CA LEU A 166 -2.91 -12.76 14.92
C LEU A 166 -1.74 -13.61 14.40
N LEU A 167 -0.56 -13.02 14.35
CA LEU A 167 0.62 -13.67 13.83
C LEU A 167 1.78 -13.69 14.84
N ASP A 168 2.34 -14.90 15.08
CA ASP A 168 3.46 -15.08 15.98
C ASP A 168 4.77 -14.62 15.32
N GLU A 169 5.91 -14.96 15.91
CA GLU A 169 7.26 -14.65 15.45
C GLU A 169 7.60 -15.26 14.06
N ALA A 170 6.90 -16.36 13.68
CA ALA A 170 7.11 -17.09 12.43
C ALA A 170 5.99 -16.84 11.43
N PHE A 171 5.03 -15.97 11.80
CA PHE A 171 3.83 -15.61 11.05
C PHE A 171 2.87 -16.78 10.92
N THR A 172 2.74 -17.54 11.99
CA THR A 172 1.79 -18.62 12.05
C THR A 172 0.51 -17.91 12.47
N ALA A 173 -0.60 -18.23 11.79
CA ALA A 173 -1.89 -17.63 12.07
C ALA A 173 -2.47 -18.22 13.34
N LYS A 174 -2.97 -17.35 14.20
CA LYS A 174 -3.57 -17.76 15.44
C LYS A 174 -4.86 -16.99 15.63
N ILE A 175 -6.01 -17.72 15.63
CA ILE A 175 -7.37 -17.20 15.85
C ILE A 175 -7.48 -16.69 17.30
N SER A 176 -8.09 -15.50 17.49
CA SER A 176 -8.28 -14.85 18.79
C SER A 176 -9.71 -14.35 18.98
N ASP A 177 -10.03 -13.85 20.20
CA ASP A 177 -11.33 -13.30 20.63
C ASP A 177 -12.44 -14.36 20.65
N PHE A 178 -12.56 -15.07 21.79
CA PHE A 178 -13.57 -16.10 22.03
C PHE A 178 -14.72 -15.66 22.97
N GLY A 179 -14.82 -14.34 23.23
CA GLY A 179 -15.83 -13.72 24.07
C GLY A 179 -17.28 -13.91 23.65
N LEU A 180 -17.53 -13.86 22.31
CA LEU A 180 -18.87 -14.04 21.72
C LEU A 180 -19.05 -15.43 21.13
N ALA A 181 -18.11 -16.37 21.39
CA ALA A 181 -18.17 -17.74 20.88
C ALA A 181 -19.36 -18.52 21.44
N ARG A 182 -19.90 -19.46 20.66
CA ARG A 182 -21.07 -20.24 21.08
C ARG A 182 -20.90 -21.72 20.81
N ALA A 183 -21.19 -22.56 21.82
CA ALA A 183 -21.09 -24.01 21.71
C ALA A 183 -22.30 -24.56 20.96
N THR A 190 -29.56 -22.71 12.79
CA THR A 190 -30.13 -23.74 13.66
C THR A 190 -30.71 -23.12 14.95
N VAL A 191 -29.96 -22.18 15.55
CA VAL A 191 -30.31 -21.45 16.78
C VAL A 191 -30.37 -19.95 16.42
N MET A 192 -31.21 -19.16 17.12
CA MET A 192 -31.32 -17.72 16.85
C MET A 192 -31.19 -16.87 18.12
N TPO A 193 -30.85 -15.58 17.93
CA TPO A 193 -30.70 -14.60 19.00
CB TPO A 193 -29.19 -14.47 19.46
CG2 TPO A 193 -28.22 -13.75 18.48
OG1 TPO A 193 -29.10 -13.89 20.80
P TPO A 193 -28.96 -14.87 22.01
O1P TPO A 193 -30.21 -14.72 22.89
O2P TPO A 193 -28.79 -16.38 21.70
O3P TPO A 193 -27.74 -14.41 22.80
C TPO A 193 -31.32 -13.25 18.63
O TPO A 193 -31.36 -12.89 17.43
N SEP A 194 -31.83 -12.51 19.63
CA SEP A 194 -32.43 -11.19 19.45
CB SEP A 194 -33.66 -11.01 20.38
OG SEP A 194 -33.35 -11.29 21.77
C SEP A 194 -31.38 -10.06 19.58
O SEP A 194 -31.68 -8.90 19.32
P SEP A 194 -34.22 -10.46 22.77
O1P SEP A 194 -35.71 -10.88 22.71
O2P SEP A 194 -33.67 -10.70 24.20
O3P SEP A 194 -34.12 -8.94 22.51
N ARG A 195 -30.13 -10.43 19.96
CA ARG A 195 -28.99 -9.53 20.12
C ARG A 195 -27.91 -9.88 19.08
N ILE A 196 -28.03 -9.29 17.86
CA ILE A 196 -27.12 -9.50 16.73
C ILE A 196 -25.78 -8.79 16.97
N VAL A 197 -24.68 -9.60 17.04
CA VAL A 197 -23.31 -9.11 17.29
C VAL A 197 -22.29 -9.66 16.27
N GLY A 198 -21.25 -8.86 16.03
CA GLY A 198 -20.17 -9.18 15.12
C GLY A 198 -19.69 -7.97 14.35
N THR A 199 -18.89 -8.21 13.29
CA THR A 199 -18.38 -7.16 12.41
C THR A 199 -19.10 -7.26 11.06
N THR A 200 -20.01 -6.30 10.81
CA THR A 200 -20.92 -6.11 9.67
C THR A 200 -20.36 -6.50 8.28
N ALA A 201 -19.14 -6.02 7.94
CA ALA A 201 -18.48 -6.29 6.65
C ALA A 201 -18.10 -7.76 6.43
N TYR A 202 -18.04 -8.55 7.51
CA TYR A 202 -17.63 -9.95 7.54
C TYR A 202 -18.76 -10.92 7.76
N MET A 203 -19.92 -10.42 8.21
CA MET A 203 -21.07 -11.22 8.58
C MET A 203 -21.84 -11.80 7.42
N ALA A 204 -22.24 -13.08 7.57
CA ALA A 204 -23.06 -13.80 6.60
C ALA A 204 -24.48 -13.19 6.53
N PRO A 205 -25.22 -13.28 5.41
CA PRO A 205 -26.59 -12.69 5.41
C PRO A 205 -27.50 -13.23 6.53
N GLU A 206 -27.53 -14.56 6.73
CA GLU A 206 -28.37 -15.17 7.77
C GLU A 206 -27.93 -14.77 9.17
N ALA A 207 -26.67 -14.33 9.33
CA ALA A 207 -26.10 -13.89 10.60
C ALA A 207 -26.56 -12.47 10.91
N LEU A 208 -26.79 -11.67 9.86
CA LEU A 208 -27.30 -10.31 10.03
C LEU A 208 -28.82 -10.35 10.36
N ARG A 209 -29.48 -11.51 10.12
CA ARG A 209 -30.91 -11.78 10.41
C ARG A 209 -31.10 -12.45 11.79
N GLY A 210 -30.01 -12.76 12.48
CA GLY A 210 -30.08 -13.37 13.81
C GLY A 210 -29.58 -14.79 13.96
N GLU A 211 -29.59 -15.59 12.87
CA GLU A 211 -29.11 -17.00 12.91
C GLU A 211 -27.68 -17.21 13.47
N ILE A 212 -27.49 -18.31 14.23
CA ILE A 212 -26.22 -18.74 14.82
C ILE A 212 -25.91 -20.13 14.23
N THR A 213 -25.10 -20.14 13.17
CA THR A 213 -24.71 -21.37 12.47
C THR A 213 -23.21 -21.38 12.24
N PRO A 214 -22.55 -22.58 12.35
CA PRO A 214 -21.10 -22.63 12.08
C PRO A 214 -20.76 -22.23 10.64
N LYS A 215 -21.75 -22.34 9.72
CA LYS A 215 -21.66 -21.97 8.31
C LYS A 215 -21.47 -20.45 8.14
N SER A 216 -21.77 -19.65 9.18
CA SER A 216 -21.60 -18.19 9.12
C SER A 216 -20.12 -17.83 9.25
N ASP A 217 -19.36 -18.62 10.05
CA ASP A 217 -17.92 -18.49 10.26
C ASP A 217 -17.19 -18.74 8.93
N ILE A 218 -17.71 -19.68 8.10
CA ILE A 218 -17.19 -20.04 6.79
C ILE A 218 -17.31 -18.83 5.85
N TYR A 219 -18.47 -18.14 5.89
CA TYR A 219 -18.72 -16.94 5.10
C TYR A 219 -17.68 -15.90 5.45
N SER A 220 -17.50 -15.62 6.77
CA SER A 220 -16.54 -14.65 7.29
C SER A 220 -15.13 -14.96 6.85
N PHE A 221 -14.77 -16.27 6.82
CA PHE A 221 -13.44 -16.70 6.40
C PHE A 221 -13.18 -16.38 4.91
N GLY A 222 -14.24 -16.43 4.10
CA GLY A 222 -14.24 -16.10 2.68
C GLY A 222 -13.98 -14.62 2.44
N VAL A 223 -14.45 -13.74 3.35
CA VAL A 223 -14.17 -12.29 3.27
C VAL A 223 -12.66 -12.11 3.56
N VAL A 224 -12.14 -12.84 4.59
CA VAL A 224 -10.74 -12.85 5.01
C VAL A 224 -9.86 -13.29 3.85
N LEU A 225 -10.24 -14.38 3.15
CA LEU A 225 -9.50 -14.83 1.97
C LEU A 225 -9.44 -13.75 0.89
N LEU A 226 -10.53 -12.95 0.75
CA LEU A 226 -10.53 -11.86 -0.21
C LEU A 226 -9.53 -10.75 0.15
N GLU A 227 -9.36 -10.45 1.44
CA GLU A 227 -8.39 -9.46 1.95
C GLU A 227 -6.99 -9.95 1.72
N ILE A 228 -6.75 -11.26 1.93
CA ILE A 228 -5.45 -11.88 1.69
C ILE A 228 -5.07 -11.74 0.20
N ILE A 229 -6.03 -11.93 -0.74
CA ILE A 229 -5.78 -11.81 -2.18
C ILE A 229 -5.54 -10.37 -2.62
N THR A 230 -6.42 -9.45 -2.21
CA THR A 230 -6.45 -8.04 -2.63
C THR A 230 -5.64 -7.04 -1.79
N GLY A 231 -5.35 -7.39 -0.54
CA GLY A 231 -4.69 -6.53 0.42
C GLY A 231 -5.56 -5.35 0.83
N LEU A 232 -6.84 -5.38 0.43
CA LEU A 232 -7.82 -4.33 0.68
C LEU A 232 -8.64 -4.62 1.95
N PRO A 233 -8.95 -3.61 2.79
CA PRO A 233 -9.79 -3.87 3.98
C PRO A 233 -11.23 -4.25 3.59
N ALA A 234 -11.90 -5.09 4.38
CA ALA A 234 -13.27 -5.55 4.13
C ALA A 234 -14.25 -4.42 3.88
N VAL A 235 -13.98 -3.24 4.49
CA VAL A 235 -14.78 -2.04 4.31
C VAL A 235 -13.89 -0.80 4.33
N ASP A 236 -14.17 0.12 3.40
CA ASP A 236 -13.51 1.41 3.31
C ASP A 236 -14.57 2.38 2.81
N GLU A 237 -14.98 3.36 3.66
CA GLU A 237 -15.99 4.36 3.31
C GLU A 237 -15.54 5.25 2.14
N HIS A 238 -14.22 5.50 2.03
CA HIS A 238 -13.63 6.32 0.96
C HIS A 238 -13.20 5.44 -0.22
N ARG A 239 -14.00 4.38 -0.52
CA ARG A 239 -13.75 3.45 -1.61
C ARG A 239 -15.02 3.03 -2.35
N GLU A 240 -14.90 2.71 -3.64
CA GLU A 240 -15.98 2.22 -4.47
C GLU A 240 -15.53 0.87 -5.08
N PRO A 241 -16.13 -0.29 -4.70
CA PRO A 241 -17.23 -0.46 -3.74
C PRO A 241 -16.73 -0.33 -2.31
N GLN A 242 -17.60 0.12 -1.39
CA GLN A 242 -17.22 0.25 0.02
C GLN A 242 -16.95 -1.14 0.61
N LEU A 243 -17.73 -2.16 0.18
CA LEU A 243 -17.62 -3.53 0.65
C LEU A 243 -16.86 -4.43 -0.29
N LEU A 244 -15.82 -5.08 0.25
CA LEU A 244 -14.96 -5.96 -0.49
C LEU A 244 -15.67 -7.17 -1.06
N LEU A 245 -16.65 -7.77 -0.30
CA LEU A 245 -17.39 -8.94 -0.79
C LEU A 245 -18.21 -8.62 -2.04
N ASP A 246 -18.34 -7.31 -2.41
CA ASP A 246 -19.02 -6.86 -3.63
C ASP A 246 -18.19 -7.09 -4.91
N ILE A 247 -16.84 -7.19 -4.77
CA ILE A 247 -15.91 -7.47 -5.89
C ILE A 247 -16.22 -8.84 -6.51
N LYS A 248 -16.76 -9.78 -5.71
CA LYS A 248 -17.16 -11.13 -6.13
C LYS A 248 -18.22 -11.05 -7.24
N GLU A 249 -19.15 -10.08 -7.10
CA GLU A 249 -20.24 -9.84 -8.04
C GLU A 249 -19.69 -9.23 -9.33
N GLU A 250 -18.75 -8.27 -9.20
CA GLU A 250 -18.08 -7.62 -10.33
C GLU A 250 -17.31 -8.62 -11.18
N ILE A 251 -16.67 -9.62 -10.54
CA ILE A 251 -15.91 -10.68 -11.21
C ILE A 251 -16.89 -11.63 -11.96
N GLU A 252 -17.99 -12.05 -11.29
CA GLU A 252 -19.05 -12.94 -11.81
C GLU A 252 -19.78 -12.33 -13.02
N ASP A 253 -20.04 -11.01 -12.97
CA ASP A 253 -20.70 -10.25 -14.03
C ASP A 253 -19.69 -9.70 -15.04
N GLU A 254 -18.45 -10.24 -15.03
CA GLU A 254 -17.30 -9.96 -15.89
C GLU A 254 -17.01 -8.47 -16.14
N GLU A 255 -17.35 -7.61 -15.16
CA GLU A 255 -17.06 -6.18 -15.18
C GLU A 255 -15.54 -5.99 -14.94
N LYS A 256 -14.93 -6.96 -14.18
CA LYS A 256 -13.52 -7.05 -13.76
C LYS A 256 -13.05 -8.52 -13.63
N THR A 257 -11.75 -8.74 -13.35
CA THR A 257 -11.19 -10.08 -13.13
C THR A 257 -10.57 -10.17 -11.72
N ILE A 258 -10.23 -11.41 -11.26
CA ILE A 258 -9.53 -11.56 -9.99
C ILE A 258 -8.11 -11.00 -10.14
N GLU A 259 -7.54 -11.12 -11.36
CA GLU A 259 -6.24 -10.61 -11.78
C GLU A 259 -6.19 -9.11 -11.60
N ASP A 260 -7.29 -8.43 -11.89
CA ASP A 260 -7.41 -6.98 -11.76
C ASP A 260 -7.41 -6.56 -10.28
N TYR A 261 -7.75 -7.50 -9.37
CA TYR A 261 -7.87 -7.20 -7.93
C TYR A 261 -6.73 -7.72 -7.04
N ILE A 262 -5.78 -8.52 -7.58
CA ILE A 262 -4.64 -9.06 -6.85
C ILE A 262 -3.79 -7.92 -6.26
N ASP A 263 -3.37 -8.09 -5.00
CA ASP A 263 -2.53 -7.13 -4.30
C ASP A 263 -1.23 -6.88 -5.11
N LYS A 264 -1.01 -5.61 -5.46
CA LYS A 264 0.18 -5.22 -6.25
C LYS A 264 1.44 -5.17 -5.40
N LYS A 265 1.25 -5.17 -4.05
CA LYS A 265 2.34 -5.16 -3.08
C LYS A 265 2.98 -6.57 -2.87
N MET A 266 2.97 -7.45 -3.92
CA MET A 266 3.58 -8.80 -3.93
C MET A 266 4.35 -8.97 -5.26
N ASN A 267 5.40 -9.79 -5.23
CA ASN A 267 6.21 -10.17 -6.41
C ASN A 267 6.21 -11.68 -6.68
N ASP A 268 5.60 -12.52 -5.81
CA ASP A 268 5.69 -13.98 -5.91
C ASP A 268 4.38 -14.70 -6.16
N ALA A 269 3.30 -13.94 -6.36
CA ALA A 269 2.00 -14.55 -6.61
C ALA A 269 1.86 -15.10 -8.04
N ASP A 270 1.38 -16.32 -8.16
CA ASP A 270 1.16 -16.91 -9.46
C ASP A 270 -0.34 -17.06 -9.63
N SER A 271 -0.82 -16.76 -10.85
CA SER A 271 -2.22 -16.81 -11.25
C SER A 271 -2.94 -18.08 -10.83
N THR A 272 -2.32 -19.23 -11.03
CA THR A 272 -2.88 -20.55 -10.71
C THR A 272 -3.31 -20.66 -9.25
N SER A 273 -2.41 -20.36 -8.28
CA SER A 273 -2.73 -20.48 -6.86
C SER A 273 -3.59 -19.34 -6.36
N VAL A 274 -3.49 -18.14 -6.99
CA VAL A 274 -4.36 -17.01 -6.64
C VAL A 274 -5.81 -17.35 -7.03
N GLU A 275 -6.01 -17.86 -8.25
CA GLU A 275 -7.33 -18.28 -8.75
C GLU A 275 -7.88 -19.41 -7.87
N ALA A 276 -7.00 -20.31 -7.38
CA ALA A 276 -7.35 -21.42 -6.51
C ALA A 276 -7.84 -20.95 -5.12
N MET A 277 -7.25 -19.85 -4.56
CA MET A 277 -7.70 -19.29 -3.30
C MET A 277 -9.02 -18.52 -3.46
N TYR A 278 -9.17 -17.79 -4.60
CA TYR A 278 -10.40 -17.08 -4.94
C TYR A 278 -11.56 -18.04 -5.10
N SER A 279 -11.32 -19.23 -5.69
CA SER A 279 -12.33 -20.26 -5.88
C SER A 279 -12.85 -20.74 -4.54
N VAL A 280 -11.97 -20.88 -3.54
CA VAL A 280 -12.32 -21.30 -2.19
C VAL A 280 -13.14 -20.18 -1.58
N ALA A 281 -12.64 -18.92 -1.70
CA ALA A 281 -13.31 -17.71 -1.20
C ALA A 281 -14.70 -17.57 -1.78
N SER A 282 -14.88 -17.83 -3.12
CA SER A 282 -16.18 -17.77 -3.80
C SER A 282 -17.16 -18.78 -3.19
N GLN A 283 -16.72 -20.03 -3.02
CA GLN A 283 -17.50 -21.11 -2.42
C GLN A 283 -17.98 -20.77 -1.03
N CYS A 284 -17.10 -20.15 -0.20
CA CYS A 284 -17.37 -19.70 1.17
C CYS A 284 -18.44 -18.64 1.22
N LEU A 285 -18.41 -17.71 0.24
CA LEU A 285 -19.29 -16.56 0.14
C LEU A 285 -20.66 -16.81 -0.55
N HIS A 286 -21.09 -18.09 -0.72
CA HIS A 286 -22.39 -18.42 -1.32
C HIS A 286 -23.46 -17.88 -0.37
N GLU A 287 -24.44 -17.13 -0.90
CA GLU A 287 -25.53 -16.52 -0.11
C GLU A 287 -26.43 -17.56 0.59
N LYS A 288 -26.50 -18.79 0.04
CA LYS A 288 -27.26 -19.90 0.59
C LYS A 288 -26.34 -20.77 1.48
N LYS A 289 -26.43 -20.58 2.80
CA LYS A 289 -25.61 -21.24 3.83
C LYS A 289 -25.31 -22.75 3.61
N ASN A 290 -26.26 -23.52 3.07
CA ASN A 290 -26.09 -24.97 2.85
C ASN A 290 -25.35 -25.30 1.55
N LYS A 291 -25.06 -24.28 0.71
CA LYS A 291 -24.32 -24.38 -0.55
C LYS A 291 -22.81 -24.00 -0.35
N ARG A 292 -22.44 -23.65 0.90
CA ARG A 292 -21.09 -23.29 1.30
C ARG A 292 -20.35 -24.59 1.68
N PRO A 293 -19.00 -24.64 1.55
CA PRO A 293 -18.30 -25.84 1.97
C PRO A 293 -18.10 -25.86 3.48
N ASP A 294 -17.81 -27.03 4.06
CA ASP A 294 -17.55 -27.09 5.48
C ASP A 294 -16.07 -26.74 5.68
N ILE A 295 -15.65 -26.54 6.92
CA ILE A 295 -14.31 -26.09 7.19
C ILE A 295 -13.30 -27.18 6.86
N LYS A 296 -13.75 -28.42 6.86
CA LYS A 296 -12.86 -29.52 6.60
C LYS A 296 -12.55 -29.56 5.12
N LYS A 297 -13.46 -29.06 4.32
CA LYS A 297 -13.25 -29.04 2.89
C LYS A 297 -12.48 -27.80 2.46
N VAL A 298 -12.73 -26.69 3.13
CA VAL A 298 -11.98 -25.44 2.97
C VAL A 298 -10.50 -25.71 3.29
N GLN A 299 -10.26 -26.43 4.41
CA GLN A 299 -8.95 -26.86 4.88
C GLN A 299 -8.27 -27.74 3.81
N GLN A 300 -9.04 -28.66 3.18
CA GLN A 300 -8.59 -29.55 2.09
C GLN A 300 -8.23 -28.75 0.82
N LEU A 301 -9.08 -27.81 0.40
CA LEU A 301 -8.85 -27.01 -0.81
C LEU A 301 -7.63 -26.11 -0.73
N LEU A 302 -7.28 -25.70 0.51
CA LEU A 302 -6.13 -24.86 0.76
C LEU A 302 -4.85 -25.69 0.67
N GLN A 303 -4.86 -26.93 1.20
CA GLN A 303 -3.71 -27.84 1.12
C GLN A 303 -3.40 -28.18 -0.35
N GLU A 304 -4.42 -28.59 -1.13
CA GLU A 304 -4.33 -28.92 -2.57
C GLU A 304 -3.72 -27.78 -3.38
N MET A 305 -3.94 -26.53 -2.94
CA MET A 305 -3.43 -25.30 -3.55
C MET A 305 -1.88 -25.21 -3.48
N THR A 306 -1.27 -25.79 -2.41
CA THR A 306 0.19 -25.81 -2.24
C THR A 306 0.75 -27.24 -2.37
N ARG B 12 29.75 12.13 -26.53
CA ARG B 12 28.37 12.63 -26.53
C ARG B 12 27.40 11.50 -26.12
N PHE B 13 26.62 10.94 -27.09
CA PHE B 13 25.68 9.82 -26.88
C PHE B 13 26.00 8.64 -27.80
N HIS B 14 25.59 7.43 -27.38
CA HIS B 14 25.80 6.19 -28.11
C HIS B 14 24.67 5.99 -29.14
N SER B 15 24.95 6.16 -30.45
CA SER B 15 23.98 5.98 -31.53
C SER B 15 23.77 4.49 -31.80
N PHE B 16 22.77 3.88 -31.11
CA PHE B 16 22.42 2.45 -31.15
C PHE B 16 21.63 1.97 -32.41
N SER B 17 21.45 0.61 -32.51
CA SER B 17 20.74 -0.14 -33.56
C SER B 17 19.93 -1.28 -32.93
N PHE B 18 18.60 -1.20 -33.11
CA PHE B 18 17.48 -2.03 -32.60
C PHE B 18 17.79 -3.44 -32.03
N TYR B 19 18.58 -4.25 -32.78
CA TYR B 19 18.86 -5.66 -32.47
C TYR B 19 19.64 -5.86 -31.15
N GLU B 20 20.50 -4.88 -30.72
CA GLU B 20 21.23 -4.93 -29.45
C GLU B 20 20.20 -5.11 -28.29
N LEU B 21 19.34 -4.09 -28.20
CA LEU B 21 18.18 -3.83 -27.37
C LEU B 21 17.23 -5.01 -27.37
N LYS B 22 16.97 -5.58 -28.56
CA LYS B 22 16.07 -6.72 -28.71
C LYS B 22 16.46 -7.90 -27.81
N ASN B 23 17.68 -8.43 -28.09
CA ASN B 23 18.32 -9.59 -27.48
C ASN B 23 18.68 -9.39 -26.03
N VAL B 24 18.75 -8.14 -25.54
CA VAL B 24 19.03 -7.84 -24.11
C VAL B 24 17.74 -7.92 -23.28
N THR B 25 16.61 -7.49 -23.87
CA THR B 25 15.27 -7.46 -23.28
C THR B 25 14.52 -8.74 -23.62
N ASN B 26 15.24 -9.74 -24.25
CA ASN B 26 14.72 -11.06 -24.65
C ASN B 26 13.55 -10.93 -25.64
N ASN B 27 13.75 -10.04 -26.65
CA ASN B 27 12.80 -9.61 -27.68
C ASN B 27 11.56 -8.95 -27.07
N PHE B 28 11.82 -8.08 -26.10
CA PHE B 28 10.85 -7.20 -25.49
C PHE B 28 9.77 -7.91 -24.70
N ASP B 29 10.07 -9.08 -24.09
CA ASP B 29 9.13 -9.83 -23.21
C ASP B 29 8.40 -8.85 -22.25
N GLU B 30 7.09 -8.70 -22.42
CA GLU B 30 6.32 -7.72 -21.66
C GLU B 30 5.76 -8.29 -20.34
N ARG B 31 6.21 -9.48 -19.97
CA ARG B 31 5.83 -10.09 -18.70
C ARG B 31 6.65 -9.51 -17.51
N PRO B 32 6.09 -9.60 -16.25
CA PRO B 32 6.88 -9.12 -15.08
C PRO B 32 8.18 -9.92 -14.96
N ILE B 33 9.25 -9.23 -14.61
CA ILE B 33 10.56 -9.84 -14.45
C ILE B 33 10.50 -11.14 -13.57
N SER B 34 9.52 -11.22 -12.62
CA SER B 34 9.23 -12.40 -11.76
C SER B 34 8.89 -13.67 -12.56
N VAL B 35 8.25 -13.50 -13.72
CA VAL B 35 7.92 -14.61 -14.60
C VAL B 35 9.11 -14.91 -15.53
N GLY B 36 9.85 -13.84 -15.90
CA GLY B 36 11.04 -13.85 -16.74
C GLY B 36 10.87 -13.74 -18.26
N GLY B 37 10.41 -12.61 -18.80
CA GLY B 37 9.94 -11.44 -18.07
C GLY B 37 10.89 -10.26 -18.06
N ASN B 38 10.70 -9.30 -18.99
CA ASN B 38 11.57 -8.13 -19.03
C ASN B 38 10.94 -6.79 -18.58
N LYS B 39 9.64 -6.51 -18.96
CA LYS B 39 8.90 -5.25 -18.70
C LYS B 39 8.89 -4.78 -17.25
N MET B 40 9.30 -3.52 -17.06
CA MET B 40 9.32 -2.91 -15.72
C MET B 40 8.09 -2.03 -15.54
N GLY B 41 7.66 -1.44 -16.65
CA GLY B 41 6.50 -0.56 -16.67
C GLY B 41 6.30 0.16 -17.96
N GLU B 42 5.44 1.21 -17.92
CA GLU B 42 5.09 2.11 -19.04
C GLU B 42 4.37 3.36 -18.60
N GLY B 43 4.62 4.42 -19.35
CA GLY B 43 3.98 5.72 -19.23
C GLY B 43 3.03 5.89 -20.40
N GLY B 44 2.67 7.14 -20.70
CA GLY B 44 1.75 7.45 -21.79
C GLY B 44 2.40 7.66 -23.14
N PHE B 45 3.73 7.40 -23.23
CA PHE B 45 4.46 7.58 -24.49
C PHE B 45 5.18 6.32 -24.95
N GLY B 46 5.23 5.29 -24.11
CA GLY B 46 5.87 4.04 -24.46
C GLY B 46 6.05 3.07 -23.31
N VAL B 47 6.84 2.01 -23.53
CA VAL B 47 7.11 0.97 -22.54
C VAL B 47 8.57 1.07 -22.07
N VAL B 48 8.85 0.59 -20.82
CA VAL B 48 10.17 0.56 -20.19
C VAL B 48 10.54 -0.88 -19.73
N TYR B 49 11.50 -1.52 -20.44
CA TYR B 49 12.01 -2.89 -20.15
C TYR B 49 13.50 -2.90 -19.72
N LYS B 50 13.82 -3.77 -18.76
CA LYS B 50 15.14 -4.05 -18.21
C LYS B 50 16.00 -4.77 -19.24
N GLY B 51 17.30 -4.50 -19.18
CA GLY B 51 18.33 -5.08 -20.03
C GLY B 51 19.70 -4.97 -19.38
N TYR B 52 20.65 -5.85 -19.77
CA TYR B 52 22.04 -5.76 -19.33
C TYR B 52 22.82 -5.54 -20.63
N VAL B 53 23.70 -4.49 -20.70
CA VAL B 53 24.50 -4.11 -21.89
C VAL B 53 25.96 -3.79 -21.48
N ASN B 54 26.88 -4.76 -21.63
CA ASN B 54 28.28 -4.61 -21.22
C ASN B 54 28.36 -4.44 -19.71
N ASN B 55 27.61 -5.29 -19.03
CA ASN B 55 27.48 -5.39 -17.58
C ASN B 55 26.79 -4.13 -16.96
N THR B 56 26.46 -3.10 -17.80
CA THR B 56 25.62 -1.95 -17.42
C THR B 56 24.13 -2.40 -17.45
N THR B 57 23.41 -2.35 -16.31
CA THR B 57 21.98 -2.67 -16.37
C THR B 57 21.32 -1.39 -16.93
N VAL B 58 20.55 -1.51 -18.01
CA VAL B 58 19.91 -0.36 -18.64
C VAL B 58 18.37 -0.34 -18.48
N ALA B 59 17.79 0.79 -18.96
CA ALA B 59 16.37 1.07 -19.00
C ALA B 59 16.12 1.56 -20.39
N VAL B 60 15.34 0.78 -21.16
CA VAL B 60 15.05 1.15 -22.55
C VAL B 60 13.62 1.58 -22.67
N LYS B 61 13.41 2.77 -23.26
CA LYS B 61 12.10 3.35 -23.50
C LYS B 61 11.75 3.25 -24.98
N LYS B 62 10.90 2.24 -25.33
CA LYS B 62 10.47 2.06 -26.70
C LYS B 62 9.20 2.90 -26.94
N LEU B 63 9.35 4.09 -27.58
CA LEU B 63 8.25 4.99 -27.91
C LEU B 63 7.40 4.46 -29.07
N THR B 71 3.99 10.68 -37.48
CA THR B 71 3.99 11.06 -36.06
C THR B 71 4.97 12.24 -35.82
N GLU B 72 4.69 13.41 -36.45
CA GLU B 72 5.55 14.60 -36.32
C GLU B 72 5.64 15.14 -34.86
N GLU B 73 4.67 14.80 -33.98
CA GLU B 73 4.69 15.24 -32.58
C GLU B 73 5.64 14.39 -31.72
N LEU B 74 5.49 13.04 -31.77
CA LEU B 74 6.34 12.09 -31.04
C LEU B 74 7.81 12.26 -31.43
N LYS B 75 8.08 12.51 -32.73
CA LYS B 75 9.41 12.77 -33.27
C LYS B 75 9.93 14.10 -32.76
N GLN B 76 9.04 15.10 -32.59
CA GLN B 76 9.42 16.42 -32.09
C GLN B 76 9.71 16.39 -30.58
N GLN B 77 9.27 15.31 -29.88
CA GLN B 77 9.46 15.10 -28.44
C GLN B 77 10.81 14.47 -28.18
N PHE B 78 11.12 13.38 -28.93
CA PHE B 78 12.37 12.63 -28.92
C PHE B 78 13.54 13.62 -29.04
N ASP B 79 13.48 14.52 -30.04
CA ASP B 79 14.48 15.57 -30.26
C ASP B 79 14.57 16.58 -29.11
N GLN B 80 13.53 16.65 -28.25
CA GLN B 80 13.54 17.57 -27.11
C GLN B 80 14.11 16.86 -25.90
N GLU B 81 13.99 15.52 -25.87
CA GLU B 81 14.57 14.70 -24.80
C GLU B 81 16.08 14.67 -24.97
N ILE B 82 16.58 14.63 -26.24
CA ILE B 82 18.01 14.63 -26.59
C ILE B 82 18.68 15.99 -26.31
N LYS B 83 18.05 17.08 -26.79
CA LYS B 83 18.55 18.44 -26.61
C LYS B 83 18.74 18.80 -25.15
N VAL B 84 17.70 18.59 -24.32
CA VAL B 84 17.71 18.90 -22.87
C VAL B 84 18.75 18.05 -22.12
N MET B 85 18.90 16.76 -22.46
CA MET B 85 19.90 15.88 -21.83
C MET B 85 21.35 16.28 -22.13
N ALA B 86 21.61 16.70 -23.37
CA ALA B 86 22.95 17.15 -23.79
C ALA B 86 23.33 18.46 -23.06
N LYS B 87 22.36 19.33 -22.81
CA LYS B 87 22.60 20.59 -22.13
C LYS B 87 22.58 20.44 -20.59
N CYS B 88 21.79 19.48 -20.05
CA CYS B 88 21.63 19.33 -18.60
C CYS B 88 22.25 18.07 -17.98
N GLN B 89 23.22 18.29 -17.05
CA GLN B 89 23.95 17.26 -16.32
C GLN B 89 23.95 17.57 -14.84
N HIS B 90 23.27 16.73 -14.06
CA HIS B 90 23.16 16.90 -12.61
C HIS B 90 22.96 15.54 -11.93
N GLU B 91 23.26 15.44 -10.63
CA GLU B 91 23.13 14.19 -9.88
C GLU B 91 21.69 13.86 -9.57
N ASN B 92 20.83 14.89 -9.61
CA ASN B 92 19.42 14.79 -9.36
C ASN B 92 18.61 14.76 -10.67
N LEU B 93 19.28 14.49 -11.82
CA LEU B 93 18.63 14.27 -13.13
C LEU B 93 19.05 12.90 -13.61
N VAL B 94 18.24 12.23 -14.45
CA VAL B 94 18.65 10.91 -14.93
C VAL B 94 19.70 11.07 -16.04
N GLU B 95 20.41 9.98 -16.35
CA GLU B 95 21.44 10.01 -17.38
C GLU B 95 20.98 9.23 -18.60
N LEU B 96 21.03 9.92 -19.75
CA LEU B 96 20.70 9.34 -21.04
C LEU B 96 22.00 8.77 -21.66
N LEU B 97 22.07 7.43 -21.83
CA LEU B 97 23.25 6.81 -22.47
C LEU B 97 23.25 7.04 -24.00
N GLY B 98 22.15 6.70 -24.65
CA GLY B 98 22.02 6.90 -26.10
C GLY B 98 20.62 6.73 -26.67
N PHE B 99 20.45 7.26 -27.91
CA PHE B 99 19.21 7.21 -28.67
C PHE B 99 19.26 6.25 -29.87
N SER B 100 18.52 6.60 -30.98
CA SER B 100 18.34 5.91 -32.29
C SER B 100 17.18 6.51 -33.12
N SER B 101 17.54 7.22 -34.21
CA SER B 101 16.57 7.86 -35.13
C SER B 101 16.18 6.92 -36.28
N ASP B 102 17.07 5.96 -36.64
CA ASP B 102 16.84 4.96 -37.69
C ASP B 102 15.80 3.93 -37.23
N GLY B 103 14.92 3.53 -38.16
CA GLY B 103 13.85 2.57 -37.93
C GLY B 103 12.49 3.21 -37.74
N ASP B 104 11.55 2.45 -37.13
CA ASP B 104 10.18 2.92 -36.89
C ASP B 104 9.95 3.31 -35.43
N ASP B 105 10.11 2.34 -34.48
CA ASP B 105 9.88 2.55 -33.03
C ASP B 105 11.13 3.09 -32.27
N LEU B 106 11.15 4.42 -32.00
CA LEU B 106 12.22 5.17 -31.32
C LEU B 106 12.52 4.68 -29.90
N CYS B 107 13.76 4.19 -29.66
CA CYS B 107 14.22 3.78 -28.33
C CYS B 107 15.05 4.91 -27.67
N LEU B 108 15.22 4.84 -26.33
CA LEU B 108 16.02 5.78 -25.52
C LEU B 108 16.59 4.96 -24.39
N VAL B 109 17.93 5.00 -24.23
CA VAL B 109 18.64 4.17 -23.23
C VAL B 109 19.12 5.02 -22.06
N TYR B 110 18.91 4.49 -20.85
CA TYR B 110 19.25 5.15 -19.62
C TYR B 110 19.87 4.17 -18.67
N VAL B 111 20.51 4.70 -17.63
CA VAL B 111 21.07 3.87 -16.59
C VAL B 111 19.90 3.40 -15.75
N TYR B 112 19.71 2.08 -15.65
CA TYR B 112 18.65 1.46 -14.85
C TYR B 112 18.69 2.06 -13.43
N MET B 113 17.52 2.38 -12.86
CA MET B 113 17.45 2.94 -11.52
C MET B 113 17.05 1.79 -10.61
N PRO B 114 17.94 1.34 -9.74
CA PRO B 114 17.62 0.18 -8.90
C PRO B 114 16.33 0.27 -8.06
N ASN B 115 15.83 1.47 -7.80
CA ASN B 115 14.66 1.55 -6.96
C ASN B 115 13.42 2.09 -7.68
N GLY B 116 13.45 2.11 -9.01
CA GLY B 116 12.33 2.52 -9.85
C GLY B 116 11.84 3.94 -9.62
N SER B 117 10.52 4.15 -9.60
CA SER B 117 9.91 5.49 -9.41
C SER B 117 9.39 5.70 -7.98
N LEU B 118 9.25 6.97 -7.58
CA LEU B 118 8.68 7.35 -6.29
C LEU B 118 7.22 6.86 -6.16
N LEU B 119 6.45 6.92 -7.26
CA LEU B 119 5.05 6.47 -7.33
C LEU B 119 4.96 5.02 -6.83
N ASP B 120 5.76 4.13 -7.43
CA ASP B 120 5.81 2.71 -7.14
C ASP B 120 6.31 2.41 -5.74
N ARG B 121 7.29 3.17 -5.28
CA ARG B 121 7.82 2.99 -3.93
C ARG B 121 6.83 3.46 -2.89
N LEU B 122 6.04 4.50 -3.19
CA LEU B 122 5.00 5.03 -2.30
C LEU B 122 3.83 4.04 -2.16
N SER B 123 3.50 3.35 -3.25
CA SER B 123 2.46 2.33 -3.25
C SER B 123 3.00 0.90 -2.89
N CYS B 124 4.33 0.78 -2.56
CA CYS B 124 5.02 -0.49 -2.25
C CYS B 124 4.81 -1.55 -3.35
N LEU B 125 4.82 -1.13 -4.62
CA LEU B 125 4.64 -2.05 -5.75
C LEU B 125 5.70 -3.18 -5.72
N ASP B 126 5.28 -4.41 -5.98
CA ASP B 126 6.10 -5.62 -6.04
C ASP B 126 6.66 -5.99 -4.67
N GLY B 127 6.04 -5.47 -3.61
CA GLY B 127 6.39 -5.79 -2.23
C GLY B 127 7.60 -5.12 -1.63
N THR B 128 8.00 -3.98 -2.18
CA THR B 128 9.12 -3.21 -1.65
C THR B 128 8.70 -2.63 -0.28
N PRO B 129 9.58 -2.54 0.75
CA PRO B 129 9.08 -2.04 2.05
C PRO B 129 8.80 -0.54 2.03
N PRO B 130 7.90 -0.04 2.90
CA PRO B 130 7.59 1.41 2.89
C PRO B 130 8.77 2.35 3.11
N LEU B 131 8.73 3.53 2.54
CA LEU B 131 9.78 4.54 2.70
C LEU B 131 9.56 5.20 4.06
N SER B 132 10.63 5.35 4.79
CA SER B 132 10.56 5.99 6.10
C SER B 132 10.48 7.49 5.89
N TRP B 133 10.08 8.22 6.92
CA TRP B 133 9.99 9.67 6.88
C TRP B 133 11.31 10.33 6.44
N HIS B 134 12.42 9.87 7.03
CA HIS B 134 13.80 10.29 6.78
C HIS B 134 14.16 10.12 5.31
N MET B 135 13.78 8.97 4.71
CA MET B 135 14.04 8.70 3.30
C MET B 135 13.22 9.63 2.43
N ARG B 136 11.96 9.85 2.81
CA ARG B 136 11.01 10.72 2.11
C ARG B 136 11.48 12.16 2.04
N CYS B 137 12.10 12.65 3.15
CA CYS B 137 12.70 13.96 3.29
C CYS B 137 13.87 14.12 2.36
N LYS B 138 14.82 13.18 2.40
CA LYS B 138 15.97 13.16 1.50
C LYS B 138 15.56 13.13 0.00
N ILE B 139 14.44 12.41 -0.34
CA ILE B 139 13.89 12.26 -1.69
C ILE B 139 13.31 13.58 -2.17
N ALA B 140 12.51 14.22 -1.32
CA ALA B 140 11.90 15.50 -1.58
C ALA B 140 13.02 16.50 -1.87
N GLN B 141 14.01 16.59 -0.97
CA GLN B 141 15.16 17.49 -1.06
C GLN B 141 15.92 17.38 -2.38
N GLY B 142 16.29 16.15 -2.76
CA GLY B 142 16.98 15.87 -4.01
C GLY B 142 16.18 16.23 -5.23
N ALA B 143 14.87 15.95 -5.22
CA ALA B 143 13.96 16.26 -6.34
C ALA B 143 13.87 17.77 -6.54
N ALA B 144 13.80 18.56 -5.43
CA ALA B 144 13.77 20.03 -5.49
C ALA B 144 15.09 20.54 -6.11
N ASN B 145 16.25 19.94 -5.73
CA ASN B 145 17.59 20.28 -6.28
C ASN B 145 17.63 20.08 -7.78
N GLY B 146 16.97 19.02 -8.25
CA GLY B 146 16.88 18.66 -9.65
C GLY B 146 16.13 19.73 -10.42
N ILE B 147 14.94 20.11 -9.89
CA ILE B 147 14.08 21.14 -10.45
C ILE B 147 14.83 22.49 -10.47
N ASN B 148 15.53 22.81 -9.36
CA ASN B 148 16.34 24.03 -9.25
C ASN B 148 17.43 24.13 -10.30
N PHE B 149 18.06 23.00 -10.64
CA PHE B 149 19.07 22.93 -11.69
C PHE B 149 18.44 23.23 -13.05
N LEU B 150 17.23 22.68 -13.29
CA LEU B 150 16.52 22.91 -14.54
C LEU B 150 16.07 24.35 -14.67
N HIS B 151 15.61 24.96 -13.56
CA HIS B 151 15.13 26.35 -13.56
C HIS B 151 16.30 27.32 -13.67
N GLU B 152 17.49 26.93 -13.14
CA GLU B 152 18.73 27.72 -13.22
C GLU B 152 19.28 27.70 -14.65
N ASN B 153 18.96 26.63 -15.40
CA ASN B 153 19.37 26.41 -16.79
C ASN B 153 18.25 26.78 -17.77
N HIS B 154 17.31 27.62 -17.31
CA HIS B 154 16.17 28.17 -18.05
C HIS B 154 15.38 27.11 -18.82
N HIS B 155 14.85 26.12 -18.09
CA HIS B 155 14.02 25.03 -18.60
C HIS B 155 12.86 24.77 -17.68
N ILE B 156 11.70 24.42 -18.28
CA ILE B 156 10.44 24.10 -17.63
C ILE B 156 10.18 22.64 -17.95
N HIS B 157 9.87 21.82 -16.92
CA HIS B 157 9.65 20.39 -17.09
C HIS B 157 8.32 20.09 -17.77
N ARG B 158 7.23 20.73 -17.31
CA ARG B 158 5.86 20.60 -17.80
C ARG B 158 5.17 19.27 -17.39
N ASP B 159 5.86 18.38 -16.67
CA ASP B 159 5.28 17.10 -16.26
C ASP B 159 5.94 16.53 -14.99
N ILE B 160 6.08 17.36 -13.96
CA ILE B 160 6.63 16.90 -12.69
C ILE B 160 5.51 16.04 -12.02
N LYS B 161 5.82 14.80 -11.70
CA LYS B 161 4.95 13.83 -11.06
C LYS B 161 5.82 12.75 -10.44
N SER B 162 5.32 12.09 -9.39
CA SER B 162 6.05 11.04 -8.69
C SER B 162 6.48 9.86 -9.59
N ALA B 163 5.86 9.68 -10.76
CA ALA B 163 6.24 8.62 -11.72
C ALA B 163 7.51 9.03 -12.48
N ASN B 164 7.77 10.36 -12.57
CA ASN B 164 8.93 10.94 -13.23
C ASN B 164 10.09 11.22 -12.28
N ILE B 165 9.93 10.86 -10.98
CA ILE B 165 10.97 11.00 -9.98
C ILE B 165 11.44 9.57 -9.73
N LEU B 166 12.64 9.26 -10.27
CA LEU B 166 13.23 7.93 -10.14
C LEU B 166 14.25 7.88 -9.01
N LEU B 167 14.50 6.69 -8.47
CA LEU B 167 15.41 6.52 -7.32
C LEU B 167 16.55 5.53 -7.62
N ASP B 168 17.81 5.93 -7.37
CA ASP B 168 18.96 5.03 -7.55
C ASP B 168 19.08 4.01 -6.35
N GLU B 169 20.22 3.34 -6.27
CA GLU B 169 20.57 2.35 -5.25
C GLU B 169 20.56 2.89 -3.79
N ALA B 170 20.81 4.21 -3.63
CA ALA B 170 20.87 4.91 -2.34
C ALA B 170 19.62 5.79 -2.11
N PHE B 171 18.66 5.74 -3.07
CA PHE B 171 17.40 6.49 -3.09
C PHE B 171 17.65 7.98 -3.34
N THR B 172 18.60 8.28 -4.26
CA THR B 172 18.92 9.64 -4.75
C THR B 172 17.80 9.92 -5.77
N ALA B 173 17.00 11.00 -5.55
CA ALA B 173 15.93 11.36 -6.48
C ALA B 173 16.53 11.87 -7.76
N LYS B 174 16.03 11.37 -8.87
CA LYS B 174 16.49 11.80 -10.17
C LYS B 174 15.28 12.07 -11.05
N ILE B 175 15.11 13.34 -11.47
CA ILE B 175 14.05 13.83 -12.35
C ILE B 175 14.25 13.23 -13.73
N SER B 176 13.17 12.83 -14.40
CA SER B 176 13.25 12.29 -15.76
C SER B 176 12.14 12.78 -16.66
N ASP B 177 12.18 12.39 -17.93
CA ASP B 177 11.18 12.70 -18.96
C ASP B 177 11.10 14.21 -19.30
N PHE B 178 12.10 14.67 -20.05
CA PHE B 178 12.27 16.04 -20.56
C PHE B 178 11.72 16.18 -22.00
N GLY B 179 10.99 15.15 -22.45
CA GLY B 179 10.36 15.09 -23.77
C GLY B 179 9.51 16.29 -24.11
N LEU B 180 8.75 16.76 -23.11
CA LEU B 180 7.85 17.92 -23.21
C LEU B 180 8.44 19.18 -22.56
N ALA B 181 9.74 19.17 -22.19
CA ALA B 181 10.41 20.30 -21.55
C ALA B 181 10.51 21.50 -22.46
N ARG B 182 10.48 22.73 -21.89
CA ARG B 182 10.51 23.96 -22.69
C ARG B 182 11.49 24.97 -22.14
N ALA B 183 12.32 25.54 -23.01
CA ALA B 183 13.32 26.55 -22.63
C ALA B 183 12.66 27.89 -22.47
N SER B 184 13.13 28.70 -21.52
CA SER B 184 12.54 30.02 -21.26
C SER B 184 13.53 31.17 -21.38
N THR B 190 3.53 33.15 -19.09
CA THR B 190 4.27 34.09 -19.94
C THR B 190 4.10 33.75 -21.43
N VAL B 191 4.19 32.45 -21.77
CA VAL B 191 4.04 31.89 -23.12
C VAL B 191 2.84 30.91 -23.10
N MET B 192 2.14 30.74 -24.23
CA MET B 192 0.99 29.82 -24.30
C MET B 192 1.07 28.86 -25.49
N TPO B 193 0.33 27.74 -25.41
CA TPO B 193 0.24 26.71 -26.43
CB TPO B 193 1.23 25.53 -26.16
CG2 TPO B 193 0.87 24.57 -24.99
OG1 TPO B 193 1.50 24.78 -27.37
P TPO B 193 2.80 25.13 -28.18
O1P TPO B 193 2.37 25.66 -29.55
O2P TPO B 193 3.77 26.16 -27.56
O3P TPO B 193 3.55 23.80 -28.38
C TPO B 193 -1.20 26.23 -26.65
O TPO B 193 -2.00 26.24 -25.70
N SEP B 194 -1.54 25.82 -27.89
CA SEP B 194 -2.87 25.32 -28.26
CB SEP B 194 -3.28 25.82 -29.66
OG SEP B 194 -2.27 25.52 -30.68
C SEP B 194 -2.95 23.79 -28.08
O SEP B 194 -4.03 23.21 -28.20
P SEP B 194 -2.87 25.29 -32.10
O1P SEP B 194 -3.40 26.61 -32.67
O2P SEP B 194 -1.75 24.81 -33.03
O3P SEP B 194 -3.97 24.19 -32.10
N ARG B 195 -1.80 23.14 -27.75
CA ARG B 195 -1.67 21.70 -27.51
C ARG B 195 -1.29 21.45 -26.05
N ILE B 196 -2.32 21.37 -25.16
CA ILE B 196 -2.18 21.14 -23.71
C ILE B 196 -1.77 19.70 -23.42
N VAL B 197 -0.59 19.52 -22.79
CA VAL B 197 -0.02 18.22 -22.43
C VAL B 197 0.47 18.15 -20.98
N GLY B 198 0.41 16.96 -20.41
CA GLY B 198 0.86 16.66 -19.05
C GLY B 198 -0.02 15.64 -18.37
N THR B 199 0.13 15.53 -17.03
CA THR B 199 -0.68 14.63 -16.20
C THR B 199 -1.62 15.50 -15.33
N THR B 200 -2.91 15.47 -15.72
CA THR B 200 -4.08 16.18 -15.19
C THR B 200 -4.11 16.39 -13.68
N ALA B 201 -3.88 15.33 -12.88
CA ALA B 201 -3.91 15.36 -11.41
C ALA B 201 -2.80 16.22 -10.78
N TYR B 202 -1.75 16.52 -11.55
CA TYR B 202 -0.54 17.23 -11.13
C TYR B 202 -0.42 18.61 -11.69
N MET B 203 -1.18 18.91 -12.73
CA MET B 203 -1.11 20.16 -13.45
C MET B 203 -1.71 21.36 -12.72
N ALA B 204 -1.01 22.50 -12.80
CA ALA B 204 -1.45 23.78 -12.23
C ALA B 204 -2.72 24.28 -12.95
N PRO B 205 -3.61 25.09 -12.33
CA PRO B 205 -4.82 25.53 -13.07
C PRO B 205 -4.48 26.27 -14.39
N GLU B 206 -3.51 27.22 -14.35
CA GLU B 206 -3.11 27.97 -15.54
C GLU B 206 -2.47 27.08 -16.61
N ALA B 207 -1.95 25.90 -16.21
CA ALA B 207 -1.31 24.93 -17.10
C ALA B 207 -2.37 24.13 -17.83
N LEU B 208 -3.54 23.93 -17.19
CA LEU B 208 -4.66 23.23 -17.83
C LEU B 208 -5.36 24.16 -18.84
N ARG B 209 -5.07 25.49 -18.75
CA ARG B 209 -5.60 26.55 -19.62
C ARG B 209 -4.65 26.85 -20.79
N GLY B 210 -3.48 26.21 -20.80
CA GLY B 210 -2.50 26.42 -21.86
C GLY B 210 -1.20 27.10 -21.49
N GLU B 211 -1.17 27.93 -20.42
CA GLU B 211 0.04 28.66 -19.98
C GLU B 211 1.28 27.77 -19.75
N ILE B 212 2.47 28.29 -20.14
CA ILE B 212 3.79 27.67 -19.96
C ILE B 212 4.62 28.59 -19.06
N THR B 213 4.60 28.30 -17.76
CA THR B 213 5.33 29.06 -16.75
C THR B 213 6.12 28.12 -15.84
N PRO B 214 7.35 28.53 -15.41
CA PRO B 214 8.10 27.66 -14.48
C PRO B 214 7.39 27.46 -13.14
N LYS B 215 6.47 28.37 -12.79
CA LYS B 215 5.63 28.36 -11.60
C LYS B 215 4.63 27.19 -11.63
N SER B 216 4.39 26.59 -12.82
CA SER B 216 3.48 25.44 -12.94
C SER B 216 4.17 24.17 -12.41
N ASP B 217 5.51 24.06 -12.61
CA ASP B 217 6.35 22.97 -12.13
C ASP B 217 6.33 22.94 -10.60
N ILE B 218 6.29 24.14 -9.96
CA ILE B 218 6.23 24.34 -8.51
C ILE B 218 4.92 23.77 -7.97
N TYR B 219 3.81 24.03 -8.68
CA TYR B 219 2.48 23.51 -8.33
C TYR B 219 2.55 22.01 -8.32
N SER B 220 3.06 21.40 -9.43
CA SER B 220 3.19 19.94 -9.59
C SER B 220 4.01 19.32 -8.48
N PHE B 221 5.07 20.01 -8.05
CA PHE B 221 5.93 19.56 -6.98
C PHE B 221 5.19 19.48 -5.64
N GLY B 222 4.24 20.38 -5.45
CA GLY B 222 3.38 20.45 -4.27
C GLY B 222 2.42 19.28 -4.18
N VAL B 223 1.96 18.79 -5.34
CA VAL B 223 1.09 17.57 -5.40
C VAL B 223 1.97 16.38 -4.96
N VAL B 224 3.23 16.34 -5.47
CA VAL B 224 4.24 15.32 -5.16
C VAL B 224 4.51 15.30 -3.67
N LEU B 225 4.71 16.49 -3.06
CA LEU B 225 4.91 16.58 -1.60
C LEU B 225 3.70 16.04 -0.84
N LEU B 226 2.48 16.20 -1.36
CA LEU B 226 1.29 15.63 -0.73
C LEU B 226 1.28 14.11 -0.74
N GLU B 227 1.77 13.48 -1.84
CA GLU B 227 1.88 12.02 -1.98
C GLU B 227 2.93 11.51 -1.03
N ILE B 228 4.05 12.24 -0.87
CA ILE B 228 5.12 11.88 0.06
C ILE B 228 4.55 11.86 1.50
N ILE B 229 3.70 12.84 1.89
CA ILE B 229 3.11 12.88 3.24
C ILE B 229 2.06 11.79 3.47
N THR B 230 1.11 11.63 2.54
CA THR B 230 -0.03 10.71 2.64
C THR B 230 0.15 9.28 2.14
N GLY B 231 1.11 9.07 1.25
CA GLY B 231 1.36 7.82 0.58
C GLY B 231 0.25 7.44 -0.39
N LEU B 232 -0.68 8.40 -0.63
CA LEU B 232 -1.83 8.24 -1.51
C LEU B 232 -1.51 8.71 -2.95
N PRO B 233 -1.96 7.98 -4.00
CA PRO B 233 -1.75 8.47 -5.39
C PRO B 233 -2.51 9.78 -5.65
N ALA B 234 -1.96 10.66 -6.51
CA ALA B 234 -2.56 11.95 -6.87
C ALA B 234 -4.01 11.83 -7.34
N VAL B 235 -4.37 10.67 -7.92
CA VAL B 235 -5.71 10.37 -8.36
C VAL B 235 -6.04 8.90 -8.17
N ASP B 236 -7.23 8.62 -7.65
CA ASP B 236 -7.77 7.27 -7.47
C ASP B 236 -9.26 7.37 -7.71
N GLU B 237 -9.77 6.76 -8.81
CA GLU B 237 -11.20 6.76 -9.16
C GLU B 237 -12.06 6.10 -8.10
N HIS B 238 -11.52 5.07 -7.40
CA HIS B 238 -12.20 4.33 -6.33
C HIS B 238 -11.90 4.95 -4.96
N ARG B 239 -11.80 6.30 -4.90
CA ARG B 239 -11.52 7.06 -3.69
C ARG B 239 -12.32 8.35 -3.61
N GLU B 240 -12.63 8.80 -2.39
CA GLU B 240 -13.32 10.05 -2.11
C GLU B 240 -12.42 10.85 -1.13
N PRO B 241 -11.83 12.00 -1.55
CA PRO B 241 -11.90 12.63 -2.88
C PRO B 241 -11.04 11.89 -3.89
N GLN B 242 -11.43 11.94 -5.17
CA GLN B 242 -10.65 11.29 -6.23
C GLN B 242 -9.29 11.98 -6.38
N LEU B 243 -9.26 13.33 -6.19
CA LEU B 243 -8.05 14.15 -6.31
C LEU B 243 -7.44 14.49 -4.99
N LEU B 244 -6.15 14.15 -4.85
CA LEU B 244 -5.38 14.39 -3.64
C LEU B 244 -5.25 15.87 -3.30
N LEU B 245 -5.08 16.76 -4.32
CA LEU B 245 -4.94 18.20 -4.06
C LEU B 245 -6.20 18.80 -3.40
N ASP B 246 -7.32 18.04 -3.39
CA ASP B 246 -8.58 18.41 -2.72
C ASP B 246 -8.51 18.30 -1.17
N ILE B 247 -7.61 17.43 -0.63
CA ILE B 247 -7.38 17.26 0.81
C ILE B 247 -6.92 18.57 1.45
N LYS B 248 -6.22 19.43 0.67
CA LYS B 248 -5.72 20.74 1.11
C LYS B 248 -6.91 21.62 1.53
N GLU B 249 -8.02 21.53 0.79
CA GLU B 249 -9.25 22.29 1.06
C GLU B 249 -9.92 21.77 2.32
N GLU B 250 -9.99 20.43 2.48
CA GLU B 250 -10.55 19.76 3.66
C GLU B 250 -9.82 20.14 4.94
N ILE B 251 -8.49 20.30 4.87
CA ILE B 251 -7.64 20.71 6.00
C ILE B 251 -7.91 22.19 6.35
N GLU B 252 -7.94 23.08 5.32
CA GLU B 252 -8.18 24.52 5.42
C GLU B 252 -9.57 24.84 6.01
N ASP B 253 -10.58 24.05 5.60
CA ASP B 253 -11.97 24.19 6.06
C ASP B 253 -12.24 23.35 7.33
N GLU B 254 -11.16 22.90 8.00
CA GLU B 254 -11.07 22.13 9.24
C GLU B 254 -12.03 20.93 9.33
N GLU B 255 -12.36 20.33 8.16
CA GLU B 255 -13.17 19.12 8.05
C GLU B 255 -12.32 17.91 8.55
N LYS B 256 -10.97 18.02 8.45
CA LYS B 256 -9.95 17.04 8.86
C LYS B 256 -8.66 17.78 9.29
N THR B 257 -7.55 17.05 9.49
CA THR B 257 -6.21 17.59 9.81
C THR B 257 -5.15 16.93 8.91
N ILE B 258 -3.91 17.49 8.88
CA ILE B 258 -2.82 16.87 8.14
C ILE B 258 -2.44 15.55 8.84
N GLU B 259 -2.59 15.54 10.19
CA GLU B 259 -2.36 14.40 11.08
C GLU B 259 -3.27 13.24 10.69
N ASP B 260 -4.51 13.55 10.30
CA ASP B 260 -5.49 12.56 9.87
C ASP B 260 -5.11 11.95 8.52
N TYR B 261 -4.25 12.63 7.73
CA TYR B 261 -3.86 12.19 6.39
C TYR B 261 -2.44 11.62 6.25
N ILE B 262 -1.60 11.69 7.31
CA ILE B 262 -0.23 11.15 7.32
C ILE B 262 -0.25 9.63 7.02
N ASP B 263 0.70 9.18 6.19
CA ASP B 263 0.85 7.78 5.80
C ASP B 263 1.08 6.93 7.04
N LYS B 264 0.16 5.99 7.29
CA LYS B 264 0.19 5.09 8.43
C LYS B 264 1.32 4.05 8.31
N LYS B 265 1.85 3.89 7.08
CA LYS B 265 2.95 2.98 6.77
C LYS B 265 4.34 3.55 7.14
N MET B 266 4.42 4.41 8.16
CA MET B 266 5.66 5.01 8.70
C MET B 266 5.61 4.97 10.24
N ASN B 267 6.80 4.85 10.87
CA ASN B 267 6.97 4.83 12.33
C ASN B 267 7.92 5.93 12.83
N ASP B 268 8.58 6.67 11.90
CA ASP B 268 9.60 7.68 12.26
C ASP B 268 9.20 9.14 11.97
N ALA B 269 7.97 9.37 11.50
CA ALA B 269 7.51 10.71 11.21
C ALA B 269 7.16 11.48 12.47
N ASP B 270 7.68 12.70 12.57
CA ASP B 270 7.32 13.55 13.69
C ASP B 270 6.46 14.67 13.15
N SER B 271 5.42 15.02 13.91
CA SER B 271 4.43 16.05 13.58
C SER B 271 5.06 17.36 13.13
N THR B 272 6.10 17.82 13.80
CA THR B 272 6.79 19.07 13.49
C THR B 272 7.30 19.13 12.05
N SER B 273 8.06 18.11 11.59
CA SER B 273 8.61 18.10 10.22
C SER B 273 7.55 17.74 9.18
N VAL B 274 6.52 16.95 9.56
CA VAL B 274 5.42 16.63 8.65
C VAL B 274 4.63 17.91 8.36
N GLU B 275 4.29 18.69 9.42
CA GLU B 275 3.59 19.96 9.28
C GLU B 275 4.43 20.96 8.46
N ALA B 276 5.77 20.90 8.61
CA ALA B 276 6.73 21.74 7.87
C ALA B 276 6.74 21.42 6.38
N MET B 277 6.60 20.11 5.99
CA MET B 277 6.54 19.73 4.57
C MET B 277 5.19 20.09 3.97
N TYR B 278 4.11 19.94 4.74
CA TYR B 278 2.75 20.30 4.31
C TYR B 278 2.65 21.80 4.06
N SER B 279 3.32 22.62 4.89
CA SER B 279 3.35 24.07 4.75
C SER B 279 4.01 24.45 3.43
N VAL B 280 5.07 23.74 3.03
CA VAL B 280 5.77 23.98 1.76
C VAL B 280 4.83 23.57 0.66
N ALA B 281 4.20 22.38 0.76
CA ALA B 281 3.23 21.85 -0.18
C ALA B 281 2.07 22.82 -0.38
N SER B 282 1.52 23.39 0.71
CA SER B 282 0.43 24.39 0.69
C SER B 282 0.83 25.61 -0.12
N GLN B 283 2.01 26.18 0.16
CA GLN B 283 2.57 27.34 -0.53
C GLN B 283 2.71 27.09 -2.04
N CYS B 284 3.15 25.88 -2.43
CA CYS B 284 3.33 25.44 -3.81
C CYS B 284 2.03 25.37 -4.56
N LEU B 285 0.96 24.92 -3.86
CA LEU B 285 -0.39 24.71 -4.39
C LEU B 285 -1.31 25.94 -4.40
N HIS B 286 -0.77 27.17 -4.23
CA HIS B 286 -1.56 28.41 -4.27
C HIS B 286 -2.11 28.54 -5.69
N GLU B 287 -3.43 28.77 -5.82
CA GLU B 287 -4.11 28.89 -7.13
C GLU B 287 -3.61 30.06 -7.97
N LYS B 288 -3.06 31.10 -7.31
CA LYS B 288 -2.50 32.29 -7.94
C LYS B 288 -0.99 32.10 -8.12
N LYS B 289 -0.57 31.74 -9.35
CA LYS B 289 0.81 31.43 -9.75
C LYS B 289 1.91 32.35 -9.15
N ASN B 290 1.64 33.66 -8.99
CA ASN B 290 2.63 34.63 -8.48
C ASN B 290 2.71 34.65 -6.95
N LYS B 291 1.82 33.90 -6.26
CA LYS B 291 1.75 33.74 -4.80
C LYS B 291 2.45 32.43 -4.34
N ARG B 292 2.98 31.67 -5.30
CA ARG B 292 3.71 30.42 -5.09
C ARG B 292 5.19 30.77 -4.83
N PRO B 293 5.95 29.93 -4.08
CA PRO B 293 7.37 30.25 -3.88
C PRO B 293 8.20 29.82 -5.08
N ASP B 294 9.42 30.35 -5.23
CA ASP B 294 10.26 29.90 -6.33
C ASP B 294 10.96 28.62 -5.88
N ILE B 295 11.60 27.88 -6.82
CA ILE B 295 12.24 26.61 -6.50
C ILE B 295 13.40 26.78 -5.49
N LYS B 296 14.10 27.94 -5.49
CA LYS B 296 15.19 28.22 -4.57
C LYS B 296 14.66 28.37 -3.12
N LYS B 297 13.43 28.89 -2.97
CA LYS B 297 12.76 29.07 -1.69
C LYS B 297 12.27 27.70 -1.19
N VAL B 298 11.68 26.89 -2.12
CA VAL B 298 11.18 25.54 -1.85
C VAL B 298 12.36 24.67 -1.38
N GLN B 299 13.47 24.81 -2.09
CA GLN B 299 14.71 24.16 -1.74
C GLN B 299 15.12 24.56 -0.36
N GLN B 300 15.07 25.86 -0.09
CA GLN B 300 15.47 26.39 1.20
C GLN B 300 14.61 25.86 2.34
N LEU B 301 13.31 25.83 2.13
CA LEU B 301 12.41 25.40 3.18
C LEU B 301 12.59 23.93 3.53
N LEU B 302 12.91 23.12 2.53
CA LEU B 302 13.12 21.70 2.72
C LEU B 302 14.37 21.46 3.55
N GLN B 303 15.44 22.20 3.27
CA GLN B 303 16.65 22.11 4.09
C GLN B 303 16.34 22.50 5.52
N GLU B 304 15.74 23.67 5.68
CA GLU B 304 15.32 24.17 6.99
C GLU B 304 14.67 23.05 7.78
N MET B 305 13.86 22.26 7.10
CA MET B 305 13.09 21.19 7.71
C MET B 305 13.95 20.17 8.48
N THR B 306 15.09 19.83 7.92
CA THR B 306 16.02 18.82 8.45
C THR B 306 17.26 19.47 9.10
C1 NB5 C . -1.91 -11.04 21.54
C2 NB5 C . -6.22 -12.07 22.16
C3 NB5 C . -6.38 -9.80 22.65
C7 NB5 C . -1.73 -9.84 20.89
C8 NB5 C . -2.87 -9.10 20.63
C9 NB5 C . 1.17 -6.86 18.61
C10 NB5 C . -3.17 -11.43 21.93
C11 NB5 C . -4.26 -10.59 21.71
C12 NB5 C . -2.64 -7.92 19.95
C13 NB5 C . -8.13 -11.20 22.97
C14 NB5 C . -0.38 -8.33 19.82
C15 NB5 C . -4.40 -4.77 19.24
C16 NB5 C . -2.91 -4.70 19.44
C19 NB5 C . 5.47 -3.80 14.51
C20 NB5 C . 6.23 -5.58 15.38
C21 NB5 C . 3.03 -4.72 16.38
C22 NB5 C . 4.92 -4.81 15.52
C24 NB5 C . -9.52 -11.38 23.43
N29 NB5 C . 0.95 -4.84 17.58
C4 NB5 C . 0.37 -5.72 18.39
C5 NB5 C . 2.31 -6.63 17.89
C6 NB5 C . -5.59 -10.84 22.18
C17 NB5 C . 3.63 -5.58 15.26
C18 NB5 C . 4.43 -4.31 16.88
C23 NB5 C . -3.53 -5.93 18.86
C25 NB5 C . -3.38 -6.19 17.40
C26 NB5 C . 7.81 -4.25 14.22
N27 NB5 C . -7.49 -12.29 22.54
N28 NB5 C . -7.64 -9.95 23.05
N30 NB5 C . -4.10 -9.43 21.05
N31 NB5 C . -0.51 -9.49 20.48
N32 NB5 C . -1.42 -7.55 19.55
N33 NB5 C . 2.13 -5.41 17.30
N34 NB5 C . 6.47 -4.82 14.14
N35 NB5 C . 0.89 -7.93 19.39
O36 NB5 C . -3.74 -7.10 19.69
F37 NB5 C . -3.32 -12.60 22.54
C1 NB5 D . 15.51 4.44 -15.65
C2 NB5 D . 13.74 7.90 -17.92
C3 NB5 D . 12.37 6.28 -18.86
C7 NB5 D . 14.53 3.60 -15.12
C8 NB5 D . 13.22 3.84 -15.52
C9 NB5 D . 13.23 0.15 -12.17
C10 NB5 D . 15.15 5.43 -16.54
C11 NB5 D . 13.81 5.60 -16.91
C12 NB5 D . 12.28 3.02 -14.97
C13 NB5 D . 12.45 8.38 -19.71
C14 NB5 D . 13.88 1.92 -13.72
C15 NB5 D . 8.59 2.49 -15.15
C16 NB5 D . 9.36 1.29 -14.68
C19 NB5 D . 12.03 -3.88 -7.06
C20 NB5 D . 13.96 -3.12 -7.35
C21 NB5 D . 11.78 -2.12 -9.78
C22 NB5 D . 12.66 -3.00 -8.12
C24 NB5 D . 12.00 9.39 -20.69
N29 NB5 D . 11.23 -0.84 -11.77
C4 NB5 D . 11.89 -0.03 -12.60
C5 NB5 D . 13.37 -0.63 -11.04
C6 NB5 D . 13.31 6.58 -17.88
C17 NB5 D . 12.15 -1.61 -8.38
C18 NB5 D . 12.63 -3.39 -9.59
C23 NB5 D . 9.90 2.67 -14.44
C25 NB5 D . 9.82 3.18 -13.04
C26 NB5 D . 13.82 -4.64 -5.62
N27 NB5 D . 13.34 8.82 -18.81
N28 NB5 D . 11.93 7.15 -19.78
N30 NB5 D . 12.87 4.79 -16.41
N31 NB5 D . 14.86 2.68 -14.22
N32 NB5 D . 12.59 2.06 -14.09
N33 NB5 D . 12.15 -1.21 -10.85
N34 NB5 D . 13.16 -3.48 -6.18
N35 NB5 D . 14.18 0.94 -12.76
O36 NB5 D . 10.94 3.18 -15.34
F37 NB5 D . 16.15 6.21 -16.99
#